data_4Z2W
#
_entry.id   4Z2W
#
_cell.length_a   86.570
_cell.length_b   86.570
_cell.length_c   147.230
_cell.angle_alpha   90.000
_cell.angle_beta   90.000
_cell.angle_gamma   90.000
#
_symmetry.space_group_name_H-M   'P 41 21 2'
#
loop_
_entity.id
_entity.type
_entity.pdbx_description
1 polymer 'Hypoxia-inducible factor 1-alpha inhibitor'
2 non-polymer '2-OXOGLUTARIC ACID'
3 non-polymer DI(HYDROXYETHYL)ETHER
4 non-polymer 'FE (III) ION'
5 non-polymer 'SULFATE ION'
6 water water
#
_entity_poly.entity_id   1
_entity_poly.type   'polypeptide(L)'
_entity_poly.pdbx_seq_one_letter_code
;GSHMAATAAEAVASGSGEPREEAGALGPAWDESQLRSYSFPTRPIPRLSQSDPRAEELIENEEPVVLTDTNLVYPALKWD
LEYLQENIGNGDFSVYSASTHKFLYYDEKKMANFQNFKPRSNREEMKFHEFVEKLQDIQQRGGEERLYLQQTLNDTVGRK
IVMDFLGFNWNWINKQQGKRGWGQLTSNLLLIGMEGNVTPAHYDEQQNFFAQIKGYKRCILFPPDQFECLYPYPVHHPCD
RQSQVDFDNPDYERFPNFQNVVGYETVVGPGDVLYIPMYWWHHIESLLNGGITITVNFWYKGAPTPKRIEYPLKAHQKVA
IMRNIEKMLGEALGNPQEVGPLLNTMIKGRYN
;
_entity_poly.pdbx_strand_id   A
#
loop_
_chem_comp.id
_chem_comp.type
_chem_comp.name
_chem_comp.formula
AKG non-polymer '2-OXOGLUTARIC ACID' 'C5 H6 O5'
FE non-polymer 'FE (III) ION' 'Fe 3'
PEG non-polymer DI(HYDROXYETHYL)ETHER 'C4 H10 O3'
SO4 non-polymer 'SULFATE ION' 'O4 S -2'
#
# COMPACT_ATOMS: atom_id res chain seq x y z
N VAL A 12 11.55 0.54 22.59
CA VAL A 12 11.62 1.99 22.18
C VAL A 12 10.91 2.25 20.79
N ALA A 13 10.78 3.52 20.46
CA ALA A 13 10.28 3.95 19.18
C ALA A 13 11.44 4.56 18.39
N SER A 14 12.38 3.74 17.94
CA SER A 14 13.40 4.22 17.01
C SER A 14 12.72 4.56 15.69
N GLY A 15 11.89 3.61 15.23
CA GLY A 15 11.17 3.73 13.97
C GLY A 15 11.83 2.83 12.94
N SER A 16 12.46 3.41 11.92
CA SER A 16 13.12 2.60 10.88
C SER A 16 14.51 2.13 11.32
N GLY A 17 14.98 2.66 12.45
CA GLY A 17 16.26 2.28 13.01
C GLY A 17 17.38 3.06 12.34
N GLU A 18 18.59 2.68 12.70
CA GLU A 18 19.77 3.28 12.14
C GLU A 18 19.89 2.88 10.66
N PRO A 19 20.03 3.88 9.75
CA PRO A 19 20.11 3.50 8.32
C PRO A 19 21.15 2.40 8.02
N ARG A 20 20.77 1.48 7.14
CA ARG A 20 21.67 0.40 6.73
C ARG A 20 22.87 0.91 5.90
N GLU A 21 24.03 0.30 6.13
CA GLU A 21 25.23 0.54 5.34
C GLU A 21 25.25 -0.34 4.07
N GLU A 22 25.32 0.28 2.89
CA GLU A 22 25.51 -0.50 1.65
C GLU A 22 26.91 -1.15 1.54
N ALA A 23 26.91 -2.41 1.10
CA ALA A 23 28.12 -3.19 0.82
C ALA A 23 29.15 -2.46 -0.04
N GLY A 24 30.42 -2.81 0.16
CA GLY A 24 31.55 -2.13 -0.51
C GLY A 24 31.76 -0.67 -0.10
N ALA A 25 31.21 -0.31 1.06
CA ALA A 25 31.39 1.00 1.72
C ALA A 25 30.83 2.17 0.92
N LEU A 26 29.71 1.94 0.23
CA LEU A 26 29.15 2.92 -0.71
C LEU A 26 28.34 3.97 0.04
N GLY A 27 28.23 3.80 1.36
CA GLY A 27 27.67 4.84 2.24
C GLY A 27 26.29 4.52 2.79
N PRO A 28 25.75 5.46 3.57
CA PRO A 28 24.43 5.17 4.08
C PRO A 28 23.46 5.13 2.90
N ALA A 29 22.71 4.04 2.81
CA ALA A 29 21.65 3.90 1.85
C ALA A 29 20.79 5.18 1.75
N TRP A 30 20.36 5.71 2.90
CA TRP A 30 19.54 6.94 3.02
C TRP A 30 19.79 7.53 4.42
N ASP A 31 19.19 8.69 4.73
CA ASP A 31 19.30 9.23 6.11
C ASP A 31 18.02 9.86 6.64
N GLU A 32 17.96 10.04 7.97
CA GLU A 32 16.70 10.53 8.63
C GLU A 32 16.02 11.67 7.89
N SER A 33 16.79 12.58 7.28
CA SER A 33 16.21 13.76 6.62
C SER A 33 15.45 13.48 5.30
N GLN A 34 15.41 12.25 4.84
CA GLN A 34 14.62 11.92 3.64
C GLN A 34 13.24 11.40 4.07
N LEU A 35 13.12 11.18 5.39
CA LEU A 35 11.85 10.88 6.02
C LEU A 35 11.03 12.14 6.32
N ARG A 36 9.71 12.06 6.08
CA ARG A 36 8.79 13.12 6.46
C ARG A 36 8.52 13.01 7.96
N SER A 37 7.96 14.07 8.53
CA SER A 37 7.74 14.18 10.00
C SER A 37 6.30 14.02 10.35
N TYR A 38 6.05 13.24 11.41
CA TYR A 38 4.67 12.96 11.82
C TYR A 38 4.48 12.96 13.32
N SER A 39 3.22 13.05 13.73
CA SER A 39 2.82 13.23 15.13
C SER A 39 2.92 11.99 16.00
N PHE A 40 3.07 10.83 15.40
CA PHE A 40 2.90 9.63 16.17
C PHE A 40 4.22 8.89 16.29
N PRO A 41 4.33 8.05 17.28
CA PRO A 41 5.51 7.23 17.39
C PRO A 41 5.35 5.90 16.65
N THR A 42 6.49 5.22 16.42
CA THR A 42 6.55 3.93 15.71
C THR A 42 7.69 3.10 16.22
N ARG A 43 7.49 1.80 16.19
CA ARG A 43 8.49 0.84 16.47
C ARG A 43 8.81 0.07 15.15
N PRO A 44 9.95 -0.60 15.07
CA PRO A 44 10.42 -1.08 13.78
C PRO A 44 9.92 -2.46 13.45
N ILE A 45 9.62 -2.69 12.17
CA ILE A 45 9.25 -4.01 11.67
C ILE A 45 10.56 -4.82 11.61
N PRO A 46 10.53 -6.04 12.10
CA PRO A 46 11.72 -6.84 12.05
C PRO A 46 12.12 -7.16 10.60
N ARG A 47 13.43 -7.03 10.28
CA ARG A 47 14.09 -7.51 9.05
C ARG A 47 14.70 -8.83 9.31
N LEU A 48 14.32 -9.82 8.54
CA LEU A 48 14.78 -11.15 8.74
C LEU A 48 15.04 -11.84 7.45
N SER A 49 15.58 -13.04 7.59
CA SER A 49 15.92 -13.88 6.49
C SER A 49 14.83 -14.88 6.37
N GLN A 50 14.49 -15.21 5.13
CA GLN A 50 13.44 -16.14 4.86
C GLN A 50 13.72 -17.48 5.46
N SER A 51 14.97 -17.78 5.74
CA SER A 51 15.30 -19.06 6.42
C SER A 51 14.93 -19.05 7.91
N ASP A 52 14.87 -17.87 8.51
CA ASP A 52 14.61 -17.67 9.93
C ASP A 52 13.23 -18.12 10.34
N PRO A 53 13.14 -19.01 11.34
CA PRO A 53 11.79 -19.48 11.61
C PRO A 53 10.90 -18.37 12.25
N ARG A 54 11.51 -17.31 12.79
CA ARG A 54 10.74 -16.22 13.36
C ARG A 54 9.96 -15.49 12.29
N ALA A 55 10.46 -15.53 11.06
CA ALA A 55 9.83 -14.78 10.01
C ALA A 55 8.63 -15.58 9.60
N GLU A 56 8.72 -16.88 9.77
CA GLU A 56 7.69 -17.79 9.35
C GLU A 56 6.55 -17.73 10.31
N GLU A 57 6.93 -17.54 11.54
CA GLU A 57 6.00 -17.41 12.64
C GLU A 57 5.19 -16.09 12.51
N LEU A 58 5.85 -15.00 12.08
CA LEU A 58 5.22 -13.74 11.87
C LEU A 58 4.20 -13.77 10.76
N ILE A 59 4.52 -14.41 9.64
CA ILE A 59 3.63 -14.43 8.50
C ILE A 59 2.40 -15.23 8.84
N GLU A 60 2.61 -16.33 9.56
CA GLU A 60 1.53 -17.16 10.09
C GLU A 60 0.59 -16.41 11.02
N ASN A 61 1.13 -15.55 11.90
CA ASN A 61 0.27 -14.79 12.82
C ASN A 61 -0.19 -13.50 12.20
N GLU A 62 -0.01 -13.36 10.91
CA GLU A 62 -0.45 -12.16 10.22
C GLU A 62 0.07 -10.91 10.84
N GLU A 63 1.39 -10.91 11.05
CA GLU A 63 2.11 -9.71 11.38
C GLU A 63 3.17 -9.44 10.35
N PRO A 64 3.49 -8.16 10.16
CA PRO A 64 4.37 -7.82 9.10
C PRO A 64 5.79 -8.29 9.34
N VAL A 65 6.59 -8.35 8.29
CA VAL A 65 7.98 -8.73 8.41
C VAL A 65 8.61 -8.32 7.14
N VAL A 66 9.80 -7.75 7.22
CA VAL A 66 10.59 -7.50 6.02
C VAL A 66 11.55 -8.67 5.78
N LEU A 67 11.43 -9.36 4.65
CA LEU A 67 12.35 -10.48 4.26
C LEU A 67 13.42 -9.96 3.34
N THR A 68 14.68 -10.16 3.71
CA THR A 68 15.83 -9.52 2.99
C THR A 68 16.50 -10.32 1.89
N ASP A 69 16.24 -11.62 1.86
CA ASP A 69 16.95 -12.56 0.96
C ASP A 69 15.99 -13.58 0.28
N THR A 70 14.87 -13.15 -0.28
CA THR A 70 13.93 -14.11 -0.94
C THR A 70 14.33 -14.31 -2.38
N ASN A 71 14.88 -13.26 -2.98
CA ASN A 71 15.16 -13.27 -4.39
C ASN A 71 13.87 -13.28 -5.18
N LEU A 72 12.78 -12.89 -4.54
CA LEU A 72 11.50 -12.93 -5.16
C LEU A 72 11.47 -12.31 -6.57
N VAL A 73 12.06 -11.15 -6.72
CA VAL A 73 12.09 -10.44 -7.99
C VAL A 73 13.54 -10.10 -8.36
N TYR A 74 14.42 -11.05 -8.10
CA TYR A 74 15.80 -10.96 -8.55
C TYR A 74 15.97 -10.43 -10.00
N PRO A 75 15.27 -11.02 -11.00
CA PRO A 75 15.51 -10.51 -12.37
C PRO A 75 15.12 -9.05 -12.60
N ALA A 76 14.27 -8.51 -11.75
CA ALA A 76 13.83 -7.14 -11.91
C ALA A 76 14.78 -6.16 -11.27
N LEU A 77 15.75 -6.62 -10.50
CA LEU A 77 16.59 -5.62 -9.80
C LEU A 77 17.33 -4.78 -10.80
N LYS A 78 17.39 -5.23 -12.05
CA LYS A 78 18.09 -4.47 -13.11
C LYS A 78 17.18 -3.49 -13.83
N TRP A 79 15.87 -3.57 -13.59
CA TRP A 79 14.94 -2.63 -14.24
C TRP A 79 15.31 -1.20 -13.90
N ASP A 80 15.07 -0.31 -14.86
CA ASP A 80 15.09 1.16 -14.67
C ASP A 80 14.15 1.69 -15.77
N LEU A 81 14.01 3.01 -15.91
CA LEU A 81 13.14 3.57 -16.95
C LEU A 81 13.56 3.19 -18.37
N GLU A 82 14.85 3.29 -18.64
CA GLU A 82 15.36 3.01 -19.98
C GLU A 82 15.09 1.55 -20.40
N TYR A 83 15.50 0.59 -19.57
CA TYR A 83 15.23 -0.83 -19.82
C TYR A 83 13.75 -1.12 -19.91
N LEU A 84 12.93 -0.40 -19.15
CA LEU A 84 11.50 -0.67 -19.18
C LEU A 84 10.87 -0.11 -20.44
N GLN A 85 11.27 1.10 -20.82
CA GLN A 85 10.78 1.67 -22.07
C GLN A 85 11.04 0.67 -23.18
N GLU A 86 12.30 0.26 -23.32
CA GLU A 86 12.75 -0.67 -24.35
C GLU A 86 12.03 -2.03 -24.41
N ASN A 87 11.45 -2.51 -23.31
CA ASN A 87 10.88 -3.87 -23.32
C ASN A 87 9.44 -4.08 -22.86
N ILE A 88 8.82 -3.09 -22.26
CA ILE A 88 7.61 -3.39 -21.52
C ILE A 88 6.39 -3.63 -22.41
N GLY A 89 6.47 -3.17 -23.65
CA GLY A 89 5.38 -3.35 -24.60
C GLY A 89 4.70 -2.04 -24.94
N ASN A 90 3.65 -2.17 -25.74
CA ASN A 90 2.91 -1.00 -26.25
C ASN A 90 1.50 -0.92 -25.71
N GLY A 91 1.23 -1.76 -24.70
CA GLY A 91 -0.02 -1.68 -23.94
C GLY A 91 -0.17 -0.33 -23.23
N ASP A 92 -1.36 -0.11 -22.69
CA ASP A 92 -1.67 1.14 -21.97
C ASP A 92 -1.35 1.00 -20.49
N PHE A 93 -0.78 2.07 -19.92
CA PHE A 93 -0.40 2.15 -18.49
C PHE A 93 -1.16 3.26 -17.73
N SER A 94 -2.02 2.86 -16.79
CA SER A 94 -2.63 3.85 -15.85
C SER A 94 -1.60 4.75 -15.11
N VAL A 95 -1.80 6.07 -15.14
CA VAL A 95 -0.90 7.04 -14.54
C VAL A 95 -1.64 8.12 -13.78
N TYR A 96 -1.44 8.14 -12.45
CA TYR A 96 -2.09 9.14 -11.61
C TYR A 96 -1.25 10.40 -11.50
N SER A 97 -1.95 11.53 -11.37
CA SER A 97 -1.37 12.86 -11.36
C SER A 97 -1.78 13.56 -10.07
N ALA A 98 -0.97 14.49 -9.58
CA ALA A 98 -1.34 15.25 -8.38
C ALA A 98 -0.57 16.54 -8.15
N SER A 99 -1.29 17.55 -7.66
CA SER A 99 -0.69 18.87 -7.35
C SER A 99 -0.01 18.90 -5.99
N THR A 100 0.01 17.77 -5.29
CA THR A 100 0.64 17.66 -3.96
C THR A 100 1.30 16.27 -3.81
N HIS A 101 2.21 16.14 -2.85
CA HIS A 101 2.82 14.84 -2.58
C HIS A 101 1.84 13.68 -2.24
N LYS A 102 0.67 14.00 -1.70
CA LYS A 102 -0.34 13.00 -1.33
C LYS A 102 -1.21 12.58 -2.50
N PHE A 103 -1.13 11.30 -2.85
CA PHE A 103 -2.00 10.71 -3.85
C PHE A 103 -3.15 10.00 -3.16
N LEU A 104 -4.15 10.73 -2.72
CA LEU A 104 -5.39 10.08 -2.28
C LEU A 104 -6.08 9.49 -3.55
N TYR A 105 -6.52 8.23 -3.46
CA TYR A 105 -7.17 7.50 -4.58
C TYR A 105 -8.71 7.41 -4.51
N TYR A 106 -9.34 7.31 -5.67
CA TYR A 106 -10.78 7.30 -5.80
C TYR A 106 -11.16 6.00 -6.40
N ASP A 107 -12.28 5.45 -5.99
CA ASP A 107 -12.83 4.34 -6.71
C ASP A 107 -13.88 4.95 -7.64
N GLU A 108 -13.68 4.82 -8.94
CA GLU A 108 -14.51 5.55 -9.88
C GLU A 108 -15.97 5.06 -9.91
N LYS A 109 -16.17 3.74 -9.77
CA LYS A 109 -17.52 3.16 -9.68
C LYS A 109 -18.38 3.74 -8.53
N LYS A 110 -17.74 4.42 -7.59
CA LYS A 110 -18.45 4.96 -6.44
C LYS A 110 -18.64 6.43 -6.52
N MET A 111 -18.08 7.08 -7.52
CA MET A 111 -18.19 8.54 -7.66
C MET A 111 -19.60 9.00 -7.94
N ALA A 112 -20.38 8.15 -8.61
CA ALA A 112 -21.82 8.37 -8.77
C ALA A 112 -22.47 8.88 -7.47
N ASN A 113 -22.39 8.07 -6.42
CA ASN A 113 -23.16 8.30 -5.20
C ASN A 113 -22.55 9.25 -4.16
N PHE A 114 -21.62 10.11 -4.57
CA PHE A 114 -21.17 11.24 -3.74
C PHE A 114 -20.74 12.38 -4.69
N GLN A 115 -21.67 13.27 -5.04
CA GLN A 115 -21.43 14.28 -6.10
C GLN A 115 -20.46 15.38 -5.68
N ASN A 116 -20.57 15.81 -4.42
CA ASN A 116 -19.62 16.79 -3.80
C ASN A 116 -18.39 15.94 -3.59
N PHE A 117 -17.73 15.64 -4.70
CA PHE A 117 -16.52 14.88 -4.67
C PHE A 117 -15.93 15.17 -6.05
N LYS A 118 -15.29 16.33 -6.17
CA LYS A 118 -14.34 16.57 -7.24
C LYS A 118 -13.01 15.97 -6.74
N PRO A 119 -12.36 15.13 -7.58
CA PRO A 119 -11.02 14.59 -7.28
C PRO A 119 -9.82 15.57 -7.34
N ARG A 120 -8.83 15.40 -6.43
CA ARG A 120 -7.51 16.07 -6.50
C ARG A 120 -6.49 15.37 -7.43
N SER A 121 -6.62 14.04 -7.60
CA SER A 121 -5.69 13.20 -8.43
C SER A 121 -6.32 12.38 -9.61
N ASN A 122 -6.14 12.90 -10.83
CA ASN A 122 -6.75 12.34 -12.05
C ASN A 122 -5.95 11.19 -12.66
N ARG A 123 -6.68 10.19 -13.14
CA ARG A 123 -6.10 9.10 -13.90
C ARG A 123 -6.01 9.45 -15.38
N GLU A 124 -5.01 8.88 -16.03
CA GLU A 124 -4.79 9.07 -17.46
C GLU A 124 -4.10 7.85 -18.06
N GLU A 125 -4.71 7.24 -19.07
CA GLU A 125 -4.05 6.17 -19.82
C GLU A 125 -2.99 6.73 -20.76
N MET A 126 -1.88 6.02 -20.88
CA MET A 126 -0.83 6.40 -21.80
C MET A 126 0.14 5.23 -22.03
N LYS A 127 1.14 5.49 -22.87
CA LYS A 127 2.08 4.47 -23.28
C LYS A 127 3.35 4.70 -22.53
N PHE A 128 4.09 3.63 -22.31
CA PHE A 128 5.20 3.73 -21.39
C PHE A 128 6.11 4.88 -21.75
N HIS A 129 6.37 5.06 -23.05
CA HIS A 129 7.25 6.14 -23.50
C HIS A 129 6.69 7.53 -23.10
N GLU A 130 5.37 7.69 -23.19
CA GLU A 130 4.70 8.98 -22.90
C GLU A 130 4.92 9.35 -21.44
N PHE A 131 4.65 8.39 -20.57
CA PHE A 131 4.95 8.54 -19.15
C PHE A 131 6.39 9.05 -18.95
N VAL A 132 7.35 8.38 -19.58
CA VAL A 132 8.78 8.73 -19.43
C VAL A 132 9.10 10.11 -19.97
N GLU A 133 8.38 10.52 -21.02
CA GLU A 133 8.52 11.86 -21.59
C GLU A 133 8.00 12.91 -20.62
N LYS A 134 6.78 12.68 -20.13
CA LYS A 134 6.07 13.59 -19.20
C LYS A 134 6.94 13.77 -17.94
N LEU A 135 7.55 12.68 -17.51
CA LEU A 135 8.45 12.72 -16.38
C LEU A 135 9.71 13.53 -16.68
N GLN A 136 10.37 13.25 -17.80
CA GLN A 136 11.54 14.03 -18.22
C GLN A 136 11.19 15.49 -18.45
N ASP A 137 10.08 15.74 -19.16
CA ASP A 137 9.59 17.13 -19.39
C ASP A 137 9.48 17.90 -18.04
N ILE A 138 8.77 17.31 -17.10
CA ILE A 138 8.60 17.89 -15.77
C ILE A 138 9.93 18.09 -15.09
N GLN A 139 10.69 16.99 -14.94
CA GLN A 139 12.01 17.05 -14.28
C GLN A 139 12.83 18.17 -14.92
N GLN A 140 12.89 18.23 -16.25
CA GLN A 140 13.65 19.27 -16.98
C GLN A 140 13.24 20.65 -16.53
N ARG A 141 12.03 21.05 -16.89
CA ARG A 141 11.54 22.39 -16.60
C ARG A 141 11.67 22.78 -15.13
N GLY A 142 11.82 21.78 -14.26
CA GLY A 142 11.91 22.01 -12.82
C GLY A 142 10.53 22.27 -12.23
N GLY A 143 9.51 21.61 -12.76
CA GLY A 143 8.13 21.77 -12.28
C GLY A 143 7.90 21.15 -10.91
N GLU A 144 6.67 21.32 -10.40
CA GLU A 144 6.28 20.85 -9.07
C GLU A 144 5.32 19.63 -9.10
N GLU A 145 4.53 19.54 -10.17
CA GLU A 145 3.53 18.49 -10.32
C GLU A 145 4.14 17.08 -10.25
N ARG A 146 3.38 16.11 -9.72
CA ARG A 146 3.86 14.75 -9.48
C ARG A 146 3.04 13.66 -10.16
N LEU A 147 3.70 12.60 -10.62
CA LEU A 147 3.02 11.49 -11.29
C LEU A 147 3.28 10.19 -10.57
N TYR A 148 2.37 9.22 -10.71
CA TYR A 148 2.57 7.89 -10.12
C TYR A 148 2.01 6.83 -11.06
N LEU A 149 2.88 6.07 -11.71
CA LEU A 149 2.41 4.98 -12.54
C LEU A 149 2.02 3.80 -11.68
N GLN A 150 0.82 3.30 -11.90
CA GLN A 150 0.35 2.12 -11.20
C GLN A 150 -0.45 1.30 -12.16
N GLN A 151 0.03 0.10 -12.52
CA GLN A 151 -0.57 -0.68 -13.58
C GLN A 151 -0.36 -2.16 -13.38
N THR A 152 -1.43 -2.92 -13.42
CA THR A 152 -1.35 -4.38 -13.42
C THR A 152 -0.59 -4.96 -14.64
N LEU A 153 0.21 -5.98 -14.38
CA LEU A 153 0.95 -6.69 -15.42
C LEU A 153 0.08 -7.71 -16.09
N ASN A 154 -0.03 -7.56 -17.41
CA ASN A 154 -0.96 -8.31 -18.24
C ASN A 154 -0.22 -8.78 -19.48
N ASP A 155 -0.99 -9.33 -20.42
CA ASP A 155 -0.44 -9.99 -21.58
C ASP A 155 0.39 -9.11 -22.49
N THR A 156 0.14 -7.82 -22.50
CA THR A 156 0.73 -6.95 -23.52
C THR A 156 2.25 -6.77 -23.44
N VAL A 157 2.95 -7.52 -22.62
CA VAL A 157 4.28 -7.09 -22.25
C VAL A 157 5.34 -7.79 -23.05
N GLY A 158 6.43 -7.05 -23.28
CA GLY A 158 7.59 -7.56 -23.96
C GLY A 158 8.13 -8.91 -23.53
N ARG A 159 8.83 -9.55 -24.44
CA ARG A 159 9.31 -10.90 -24.20
C ARG A 159 10.42 -10.92 -23.14
N LYS A 160 11.29 -9.91 -23.11
CA LYS A 160 12.33 -9.86 -22.07
C LYS A 160 11.70 -9.67 -20.67
N ILE A 161 10.63 -8.88 -20.59
CA ILE A 161 9.96 -8.68 -19.33
C ILE A 161 9.27 -9.96 -18.95
N VAL A 162 8.69 -10.65 -19.91
CA VAL A 162 8.06 -11.92 -19.58
C VAL A 162 9.13 -12.87 -19.05
N MET A 163 10.36 -12.74 -19.52
CA MET A 163 11.49 -13.62 -19.06
C MET A 163 11.94 -13.29 -17.64
N ASP A 164 12.20 -12.01 -17.42
CA ASP A 164 12.34 -11.48 -16.08
C ASP A 164 11.28 -12.09 -15.12
N PHE A 165 10.04 -11.89 -15.51
CA PHE A 165 8.91 -12.29 -14.73
C PHE A 165 8.95 -13.75 -14.44
N LEU A 166 9.46 -14.51 -15.39
CA LEU A 166 9.49 -15.96 -15.25
C LEU A 166 10.63 -16.33 -14.31
N GLY A 167 11.64 -15.49 -14.31
CA GLY A 167 12.69 -15.67 -13.36
C GLY A 167 12.46 -15.28 -11.90
N PHE A 168 11.23 -14.87 -11.54
CA PHE A 168 10.90 -14.48 -10.19
C PHE A 168 10.94 -15.73 -9.36
N ASN A 169 11.03 -15.65 -8.03
CA ASN A 169 11.11 -16.90 -7.21
C ASN A 169 9.75 -17.54 -6.88
N TRP A 170 9.17 -18.10 -7.93
CA TRP A 170 7.87 -18.79 -7.82
C TRP A 170 7.95 -19.90 -6.80
N ASN A 171 9.04 -20.62 -6.78
CA ASN A 171 9.13 -21.75 -5.85
C ASN A 171 8.83 -21.25 -4.41
N TRP A 172 9.33 -20.06 -4.06
CA TRP A 172 9.25 -19.63 -2.67
C TRP A 172 7.83 -19.14 -2.38
N ILE A 173 7.34 -18.25 -3.23
CA ILE A 173 6.11 -17.59 -2.96
C ILE A 173 5.00 -18.62 -3.00
N ASN A 174 5.03 -19.54 -3.96
CA ASN A 174 3.96 -20.53 -4.07
C ASN A 174 3.94 -21.40 -2.87
N LYS A 175 5.08 -21.63 -2.26
CA LYS A 175 5.06 -22.38 -0.99
C LYS A 175 4.50 -21.51 0.12
N GLN A 176 4.64 -20.19 0.01
CA GLN A 176 4.07 -19.31 1.00
C GLN A 176 2.54 -19.36 0.88
N GLN A 177 2.03 -19.12 -0.32
CA GLN A 177 0.62 -19.30 -0.60
C GLN A 177 0.07 -20.63 -0.07
N GLY A 178 0.78 -21.72 -0.29
CA GLY A 178 0.27 -23.05 0.08
C GLY A 178 0.28 -23.27 1.58
N LYS A 179 1.39 -22.94 2.24
CA LYS A 179 1.42 -23.07 3.70
C LYS A 179 0.36 -22.19 4.39
N ARG A 180 0.08 -21.00 3.87
CA ARG A 180 -0.87 -20.11 4.53
C ARG A 180 -2.35 -20.32 4.16
N GLY A 181 -2.61 -21.27 3.27
CA GLY A 181 -3.95 -21.58 2.89
C GLY A 181 -4.56 -20.54 1.99
N TRP A 182 -3.77 -19.52 1.61
CA TRP A 182 -4.29 -18.41 0.83
C TRP A 182 -4.88 -18.90 -0.47
N GLY A 183 -5.68 -18.05 -1.08
CA GLY A 183 -6.33 -18.36 -2.34
C GLY A 183 -5.31 -18.02 -3.36
N GLN A 184 -5.75 -17.47 -4.49
CA GLN A 184 -4.90 -17.35 -5.67
C GLN A 184 -4.31 -15.98 -5.90
N LEU A 185 -3.17 -15.96 -6.57
CA LEU A 185 -2.58 -14.72 -6.97
C LEU A 185 -3.59 -14.01 -7.81
N THR A 186 -4.02 -12.84 -7.39
CA THR A 186 -5.02 -12.10 -8.12
C THR A 186 -4.37 -11.15 -9.03
N SER A 187 -3.25 -10.57 -8.65
CA SER A 187 -2.53 -9.75 -9.61
C SER A 187 -1.14 -9.34 -9.11
N ASN A 188 -0.44 -8.64 -9.99
CA ASN A 188 0.79 -8.02 -9.69
C ASN A 188 0.61 -6.64 -10.14
N LEU A 189 1.00 -5.68 -9.32
CA LEU A 189 0.83 -4.33 -9.68
C LEU A 189 2.20 -3.71 -9.73
N LEU A 190 2.41 -2.88 -10.74
CA LEU A 190 3.69 -2.27 -10.92
C LEU A 190 3.53 -0.83 -10.55
N LEU A 191 4.38 -0.39 -9.64
CA LEU A 191 4.31 0.96 -9.16
C LEU A 191 5.64 1.60 -9.40
N ILE A 192 5.60 2.76 -10.04
CA ILE A 192 6.77 3.53 -10.32
C ILE A 192 6.38 4.94 -9.99
N GLY A 193 7.21 5.60 -9.17
CA GLY A 193 6.83 6.87 -8.62
C GLY A 193 7.98 7.80 -8.49
N MET A 194 7.66 9.05 -8.24
CA MET A 194 8.67 10.07 -8.11
C MET A 194 9.03 10.21 -6.64
N GLU A 195 10.28 10.58 -6.39
CA GLU A 195 10.71 10.92 -5.07
C GLU A 195 9.65 11.81 -4.42
N GLY A 196 9.45 11.62 -3.11
CA GLY A 196 8.53 12.42 -2.31
C GLY A 196 7.07 11.96 -2.29
N ASN A 197 6.66 11.24 -3.32
CA ASN A 197 5.28 10.77 -3.44
C ASN A 197 4.81 9.97 -2.22
N VAL A 198 3.59 10.27 -1.77
CA VAL A 198 2.98 9.53 -0.67
C VAL A 198 1.67 8.86 -1.10
N THR A 199 1.51 7.61 -0.68
CA THR A 199 0.24 6.92 -0.74
C THR A 199 -0.24 6.89 0.71
N PRO A 200 -1.36 7.61 1.03
CA PRO A 200 -1.75 7.74 2.41
C PRO A 200 -2.42 6.51 2.95
N ALA A 201 -2.62 6.52 4.24
CA ALA A 201 -2.89 5.30 4.93
C ALA A 201 -4.22 4.74 4.50
N HIS A 202 -4.20 3.44 4.23
CA HIS A 202 -5.34 2.70 3.81
C HIS A 202 -5.09 1.26 4.13
N TYR A 203 -6.11 0.43 3.99
CA TYR A 203 -5.95 -0.97 4.11
C TYR A 203 -6.49 -1.67 2.85
N ASP A 204 -6.03 -2.91 2.62
CA ASP A 204 -6.46 -3.70 1.47
C ASP A 204 -7.06 -4.95 2.05
N GLU A 205 -7.87 -5.65 1.26
CA GLU A 205 -8.54 -6.84 1.77
C GLU A 205 -7.81 -8.13 1.47
N GLN A 206 -6.77 -8.02 0.65
CA GLN A 206 -5.92 -9.16 0.33
C GLN A 206 -4.54 -9.15 1.05
N GLN A 207 -3.92 -10.33 1.08
CA GLN A 207 -2.56 -10.51 1.58
C GLN A 207 -1.60 -9.95 0.55
N ASN A 208 -0.53 -9.28 0.95
CA ASN A 208 0.38 -8.63 0.01
C ASN A 208 1.87 -8.95 0.30
N PHE A 209 2.58 -9.43 -0.73
CA PHE A 209 4.04 -9.40 -0.69
C PHE A 209 4.46 -8.26 -1.53
N PHE A 210 5.14 -7.29 -0.93
CA PHE A 210 5.43 -6.00 -1.50
C PHE A 210 6.95 -5.99 -1.78
N ALA A 211 7.29 -5.98 -3.07
CA ALA A 211 8.62 -6.35 -3.53
C ALA A 211 9.33 -5.16 -4.09
N GLN A 212 10.33 -4.70 -3.35
CA GLN A 212 10.94 -3.46 -3.70
C GLN A 212 12.09 -3.72 -4.70
N ILE A 213 12.25 -2.80 -5.66
CA ILE A 213 13.08 -3.03 -6.85
C ILE A 213 14.08 -1.94 -7.06
N LYS A 214 13.62 -0.71 -7.15
CA LYS A 214 14.52 0.40 -7.32
C LYS A 214 14.09 1.44 -6.33
N GLY A 215 15.05 2.04 -5.63
CA GLY A 215 14.77 3.13 -4.71
C GLY A 215 14.39 2.60 -3.34
N TYR A 216 14.08 3.55 -2.48
CA TYR A 216 13.78 3.25 -1.08
C TYR A 216 12.42 3.83 -0.77
N LYS A 217 11.58 3.00 -0.15
CA LYS A 217 10.27 3.48 0.36
C LYS A 217 10.13 3.26 1.88
N ARG A 218 9.61 4.30 2.54
CA ARG A 218 9.23 4.26 3.94
C ARG A 218 7.81 3.74 4.06
N CYS A 219 7.66 2.63 4.77
CA CYS A 219 6.41 1.93 4.93
C CYS A 219 6.03 1.96 6.41
N ILE A 220 4.87 2.58 6.73
CA ILE A 220 4.32 2.69 8.09
C ILE A 220 3.00 1.97 8.11
N LEU A 221 2.95 0.94 8.93
CA LEU A 221 1.83 0.06 9.03
C LEU A 221 1.15 0.23 10.41
N PHE A 222 -0.17 0.05 10.47
CA PHE A 222 -0.88 0.03 11.74
C PHE A 222 -1.75 -1.23 11.77
N PRO A 223 -1.77 -1.92 12.91
CA PRO A 223 -2.62 -3.08 12.94
C PRO A 223 -4.12 -2.76 12.80
N PRO A 224 -4.92 -3.80 12.50
CA PRO A 224 -6.36 -3.67 12.27
C PRO A 224 -7.11 -3.13 13.51
N ASP A 225 -6.62 -3.49 14.69
CA ASP A 225 -7.21 -3.06 15.94
C ASP A 225 -7.18 -1.55 16.11
N GLN A 226 -6.48 -0.83 15.24
CA GLN A 226 -6.43 0.60 15.39
C GLN A 226 -7.40 1.27 14.51
N PHE A 227 -8.34 0.53 14.00
CA PHE A 227 -9.49 1.10 13.30
C PHE A 227 -10.05 2.41 13.91
N GLU A 228 -10.28 2.36 15.23
CA GLU A 228 -10.80 3.49 16.01
C GLU A 228 -9.97 4.75 15.95
N CYS A 229 -8.66 4.64 15.69
CA CYS A 229 -7.77 5.80 15.59
C CYS A 229 -7.54 6.33 14.18
N LEU A 230 -7.92 5.56 13.15
CA LEU A 230 -7.64 6.00 11.78
C LEU A 230 -8.81 6.45 10.93
N TYR A 231 -10.01 6.18 11.41
CA TYR A 231 -11.21 6.85 10.88
C TYR A 231 -11.37 6.73 9.35
N PRO A 232 -11.52 5.51 8.85
CA PRO A 232 -11.77 5.35 7.44
C PRO A 232 -13.03 6.08 6.95
N TYR A 233 -13.01 6.50 5.69
CA TYR A 233 -14.19 6.94 4.97
C TYR A 233 -15.31 5.91 5.00
N PRO A 234 -16.51 6.37 4.77
CA PRO A 234 -17.62 5.43 4.70
C PRO A 234 -17.43 4.42 3.59
N VAL A 235 -17.89 3.20 3.79
CA VAL A 235 -17.74 2.16 2.82
C VAL A 235 -18.18 2.56 1.37
N HIS A 236 -19.27 3.31 1.22
CA HIS A 236 -19.75 3.76 -0.09
C HIS A 236 -19.06 4.98 -0.65
N HIS A 237 -18.19 5.58 0.11
CA HIS A 237 -17.50 6.77 -0.39
C HIS A 237 -16.38 6.39 -1.33
N PRO A 238 -16.09 7.23 -2.30
CA PRO A 238 -15.03 6.83 -3.21
C PRO A 238 -13.68 6.46 -2.56
N CYS A 239 -13.34 7.11 -1.43
CA CYS A 239 -12.19 6.77 -0.65
C CYS A 239 -12.39 5.69 0.40
N ASP A 240 -13.41 4.85 0.23
CA ASP A 240 -13.53 3.62 1.00
C ASP A 240 -12.16 3.02 1.29
N ARG A 241 -11.88 2.73 2.57
CA ARG A 241 -10.67 2.02 3.01
C ARG A 241 -9.49 2.97 3.21
N GLN A 242 -9.65 4.25 2.95
CA GLN A 242 -8.59 5.21 3.25
C GLN A 242 -8.91 5.90 4.56
N SER A 243 -7.87 6.40 5.24
CA SER A 243 -8.03 7.13 6.45
C SER A 243 -8.45 8.54 6.08
N GLN A 244 -9.31 9.15 6.93
CA GLN A 244 -9.72 10.53 6.69
C GLN A 244 -8.71 11.52 7.26
N VAL A 245 -7.77 11.03 8.04
CA VAL A 245 -6.98 11.91 8.80
C VAL A 245 -5.83 12.31 7.93
N ASP A 246 -5.59 13.61 7.83
CA ASP A 246 -4.44 14.16 7.10
C ASP A 246 -3.19 14.10 7.99
N PHE A 247 -2.33 13.12 7.70
CA PHE A 247 -1.12 12.91 8.49
C PHE A 247 -0.24 14.15 8.67
N ASP A 248 -0.18 15.03 7.67
CA ASP A 248 0.59 16.26 7.77
C ASP A 248 -0.09 17.32 8.64
N ASN A 249 -1.42 17.35 8.67
CA ASN A 249 -2.16 18.31 9.52
C ASN A 249 -3.38 17.66 10.17
N PRO A 250 -3.17 16.89 11.25
CA PRO A 250 -4.27 16.09 11.74
C PRO A 250 -5.23 16.89 12.60
N ASP A 251 -6.50 16.69 12.36
CA ASP A 251 -7.55 17.39 13.03
C ASP A 251 -8.05 16.57 14.22
N TYR A 252 -7.48 16.88 15.37
CA TYR A 252 -7.76 16.17 16.63
C TYR A 252 -9.15 16.42 17.21
N GLU A 253 -9.81 17.50 16.80
CA GLU A 253 -11.20 17.69 17.12
C GLU A 253 -12.08 16.66 16.43
N ARG A 254 -11.91 16.48 15.11
CA ARG A 254 -12.70 15.43 14.42
C ARG A 254 -12.23 14.02 14.78
N PHE A 255 -10.90 13.84 14.94
CA PHE A 255 -10.31 12.51 14.97
C PHE A 255 -9.49 12.30 16.26
N PRO A 256 -10.17 12.40 17.43
CA PRO A 256 -9.43 12.53 18.67
C PRO A 256 -8.52 11.34 18.93
N ASN A 257 -8.99 10.14 18.65
CA ASN A 257 -8.14 9.00 18.88
C ASN A 257 -6.97 8.84 17.93
N PHE A 258 -6.82 9.67 16.89
CA PHE A 258 -5.58 9.64 16.19
C PHE A 258 -4.36 9.91 17.11
N GLN A 259 -4.60 10.48 18.30
CA GLN A 259 -3.53 10.84 19.26
C GLN A 259 -3.10 9.61 19.99
N ASN A 260 -3.78 8.51 19.82
CA ASN A 260 -3.36 7.30 20.43
C ASN A 260 -2.75 6.32 19.44
N VAL A 261 -2.53 6.73 18.20
CA VAL A 261 -2.01 5.81 17.21
C VAL A 261 -0.50 5.54 17.31
N VAL A 262 -0.17 4.27 17.12
CA VAL A 262 1.19 3.75 17.15
C VAL A 262 1.49 2.89 15.90
N GLY A 263 2.29 3.41 14.96
CA GLY A 263 2.72 2.63 13.79
C GLY A 263 3.94 1.69 13.92
N TYR A 264 4.07 0.77 12.96
CA TYR A 264 5.27 -0.07 12.81
C TYR A 264 5.90 0.42 11.52
N GLU A 265 7.18 0.78 11.53
CA GLU A 265 7.75 1.30 10.32
C GLU A 265 9.02 0.59 9.86
N THR A 266 9.36 0.90 8.61
CA THR A 266 10.55 0.34 8.01
C THR A 266 10.91 1.01 6.75
N VAL A 267 12.15 0.79 6.33
CA VAL A 267 12.52 1.30 5.00
C VAL A 267 12.95 0.12 4.19
N VAL A 268 12.30 -0.03 3.03
CA VAL A 268 12.63 -1.12 2.13
C VAL A 268 13.46 -0.59 0.97
N GLY A 269 14.40 -1.41 0.57
CA GLY A 269 15.17 -1.14 -0.61
C GLY A 269 15.22 -2.34 -1.55
N PRO A 270 15.96 -2.18 -2.65
CA PRO A 270 16.06 -3.15 -3.73
C PRO A 270 16.32 -4.49 -3.14
N GLY A 271 15.49 -5.49 -3.43
CA GLY A 271 15.74 -6.85 -2.91
C GLY A 271 14.92 -7.24 -1.69
N ASP A 272 14.40 -6.23 -1.00
CA ASP A 272 13.57 -6.51 0.21
C ASP A 272 12.10 -6.79 -0.15
N VAL A 273 11.47 -7.64 0.64
CA VAL A 273 10.06 -7.92 0.52
C VAL A 273 9.32 -7.74 1.86
N LEU A 274 8.35 -6.82 1.84
CA LEU A 274 7.49 -6.51 2.99
C LEU A 274 6.20 -7.28 2.90
N TYR A 275 6.01 -8.21 3.83
CA TYR A 275 4.71 -8.79 4.02
C TYR A 275 3.80 -7.77 4.70
N ILE A 276 2.80 -7.31 3.96
CA ILE A 276 1.71 -6.47 4.45
C ILE A 276 0.50 -7.34 4.65
N PRO A 277 0.22 -7.75 5.91
CA PRO A 277 -0.90 -8.64 6.14
C PRO A 277 -2.19 -7.94 5.85
N MET A 278 -3.16 -8.74 5.46
CA MET A 278 -4.50 -8.36 5.15
C MET A 278 -5.09 -7.46 6.20
N TYR A 279 -5.70 -6.38 5.77
CA TYR A 279 -6.42 -5.47 6.69
C TYR A 279 -5.51 -4.57 7.50
N TRP A 280 -4.19 -4.73 7.37
CA TRP A 280 -3.28 -3.81 8.04
C TRP A 280 -3.24 -2.56 7.28
N TRP A 281 -3.27 -1.47 8.00
CA TRP A 281 -3.16 -0.14 7.40
C TRP A 281 -1.75 0.02 6.92
N HIS A 282 -1.55 0.73 5.81
CA HIS A 282 -0.24 1.06 5.37
C HIS A 282 -0.22 2.39 4.73
N HIS A 283 0.81 3.15 5.07
CA HIS A 283 1.10 4.46 4.56
C HIS A 283 2.47 4.36 3.85
N ILE A 284 2.60 4.85 2.62
CA ILE A 284 3.81 4.50 1.84
C ILE A 284 4.42 5.69 1.18
N GLU A 285 5.67 5.99 1.51
CA GLU A 285 6.32 7.17 0.94
C GLU A 285 7.65 6.85 0.30
N SER A 286 7.87 7.43 -0.87
CA SER A 286 9.11 7.31 -1.59
C SER A 286 10.02 8.39 -1.06
N LEU A 287 11.21 8.00 -0.58
CA LEU A 287 12.06 8.96 0.11
C LEU A 287 12.30 10.23 -0.69
N LEU A 288 12.40 11.31 0.08
CA LEU A 288 12.71 12.62 -0.45
C LEU A 288 14.13 12.64 -1.03
N ASN A 289 14.22 13.26 -2.21
CA ASN A 289 15.48 13.40 -2.95
C ASN A 289 16.18 12.07 -3.11
N GLY A 290 15.41 10.99 -3.23
CA GLY A 290 15.96 9.62 -3.30
C GLY A 290 15.82 8.96 -4.66
N GLY A 291 15.28 9.73 -5.62
CA GLY A 291 15.11 9.30 -6.98
C GLY A 291 13.79 8.59 -7.16
N ILE A 292 13.59 8.01 -8.33
CA ILE A 292 12.35 7.36 -8.61
C ILE A 292 12.36 6.02 -7.90
N THR A 293 11.19 5.44 -7.67
CA THR A 293 11.12 4.17 -6.97
C THR A 293 10.35 3.19 -7.79
N ILE A 294 10.62 1.92 -7.59
CA ILE A 294 9.91 0.92 -8.28
C ILE A 294 9.63 -0.24 -7.35
N THR A 295 8.41 -0.76 -7.47
CA THR A 295 7.93 -1.80 -6.63
C THR A 295 7.01 -2.68 -7.45
N VAL A 296 6.91 -3.95 -7.06
CA VAL A 296 5.90 -4.83 -7.60
C VAL A 296 5.18 -5.58 -6.46
N ASN A 297 3.85 -5.56 -6.45
CA ASN A 297 3.04 -6.29 -5.49
C ASN A 297 2.65 -7.62 -5.95
N PHE A 298 2.35 -8.48 -4.99
CA PHE A 298 1.83 -9.79 -5.17
C PHE A 298 0.58 -9.92 -4.28
N TRP A 299 -0.61 -9.79 -4.85
CA TRP A 299 -1.84 -9.80 -4.04
C TRP A 299 -2.46 -11.18 -4.08
N TYR A 300 -2.74 -11.76 -2.92
CA TYR A 300 -3.40 -13.05 -2.78
C TYR A 300 -4.67 -12.89 -1.99
N LYS A 301 -5.74 -13.54 -2.42
CA LYS A 301 -6.94 -13.64 -1.60
C LYS A 301 -6.54 -14.37 -0.37
N GLY A 302 -7.00 -13.91 0.77
CA GLY A 302 -6.67 -14.52 2.04
C GLY A 302 -7.32 -15.86 2.18
N ALA A 303 -6.94 -16.57 3.24
CA ALA A 303 -7.45 -17.89 3.45
C ALA A 303 -8.97 -17.80 3.57
N PRO A 304 -9.66 -18.91 3.27
CA PRO A 304 -11.12 -18.87 3.42
C PRO A 304 -11.48 -18.84 4.90
N THR A 305 -12.59 -18.15 5.21
CA THR A 305 -13.04 -17.95 6.60
C THR A 305 -13.47 -19.31 7.15
N PRO A 306 -13.04 -19.67 8.37
CA PRO A 306 -13.31 -21.03 8.87
C PRO A 306 -14.79 -21.31 9.20
N LYS A 307 -15.08 -22.54 9.57
CA LYS A 307 -16.46 -23.06 9.60
C LYS A 307 -17.26 -22.63 10.82
N ARG A 308 -16.78 -23.00 12.02
CA ARG A 308 -17.35 -22.52 13.28
C ARG A 308 -16.44 -21.40 13.83
N ILE A 309 -16.95 -20.16 13.86
CA ILE A 309 -16.11 -19.01 14.17
C ILE A 309 -15.68 -19.12 15.61
N GLU A 310 -14.38 -19.13 15.86
CA GLU A 310 -13.90 -19.19 17.23
C GLU A 310 -13.88 -17.81 17.87
N TYR A 311 -14.35 -17.73 19.11
CA TYR A 311 -14.30 -16.51 19.87
C TYR A 311 -13.06 -16.61 20.75
N PRO A 312 -12.43 -15.48 21.08
CA PRO A 312 -12.87 -14.14 20.72
C PRO A 312 -12.49 -13.89 19.26
N LEU A 313 -13.20 -12.97 18.59
CA LEU A 313 -12.94 -12.69 17.18
C LEU A 313 -11.66 -11.86 16.98
N LYS A 314 -11.03 -12.01 15.85
CA LYS A 314 -9.94 -11.12 15.51
C LYS A 314 -10.41 -9.74 14.99
N ALA A 315 -9.61 -8.73 15.28
CA ALA A 315 -9.91 -7.40 14.86
C ALA A 315 -10.33 -7.31 13.42
N HIS A 316 -9.64 -8.00 12.54
CA HIS A 316 -9.97 -7.86 11.15
C HIS A 316 -11.34 -8.44 10.88
N GLN A 317 -11.77 -9.42 11.65
CA GLN A 317 -13.11 -9.95 11.43
C GLN A 317 -14.18 -8.92 11.84
N LYS A 318 -13.98 -8.26 12.98
CA LYS A 318 -14.80 -7.14 13.36
C LYS A 318 -14.80 -6.07 12.24
N VAL A 319 -13.65 -5.82 11.63
CA VAL A 319 -13.68 -4.85 10.57
C VAL A 319 -14.54 -5.34 9.42
N ALA A 320 -14.45 -6.61 9.10
CA ALA A 320 -15.27 -7.21 8.02
C ALA A 320 -16.77 -7.04 8.29
N ILE A 321 -17.13 -7.19 9.55
CA ILE A 321 -18.50 -7.11 10.00
C ILE A 321 -18.98 -5.67 9.81
N MET A 322 -18.19 -4.69 10.24
CA MET A 322 -18.64 -3.34 10.14
C MET A 322 -18.92 -3.07 8.65
N ARG A 323 -18.00 -3.46 7.79
CA ARG A 323 -18.16 -3.25 6.35
C ARG A 323 -19.50 -3.81 5.84
N ASN A 324 -19.83 -5.03 6.26
CA ASN A 324 -21.04 -5.65 5.77
C ASN A 324 -22.26 -4.94 6.25
N ILE A 325 -22.27 -4.57 7.54
CA ILE A 325 -23.36 -3.83 8.07
C ILE A 325 -23.58 -2.62 7.17
N GLU A 326 -22.52 -1.87 6.83
CA GLU A 326 -22.68 -0.67 5.98
C GLU A 326 -23.15 -0.97 4.57
N LYS A 327 -22.74 -2.09 4.01
CA LYS A 327 -23.11 -2.40 2.63
C LYS A 327 -24.57 -2.74 2.58
N MET A 328 -24.99 -3.62 3.48
CA MET A 328 -26.36 -4.09 3.53
C MET A 328 -27.34 -2.97 3.86
N LEU A 329 -26.97 -2.13 4.80
CA LEU A 329 -27.80 -1.00 5.14
C LEU A 329 -27.94 -0.10 3.93
N GLY A 330 -26.91 0.00 3.13
CA GLY A 330 -26.99 0.74 1.89
C GLY A 330 -27.99 0.20 0.89
N GLU A 331 -28.09 -1.11 0.76
CA GLU A 331 -29.00 -1.69 -0.24
C GLU A 331 -30.38 -1.66 0.32
N ALA A 332 -30.49 -2.07 1.56
CA ALA A 332 -31.78 -2.19 2.20
C ALA A 332 -32.56 -0.88 2.14
N LEU A 333 -31.86 0.22 2.35
CA LEU A 333 -32.46 1.53 2.36
C LEU A 333 -32.55 2.13 0.95
N GLY A 334 -31.96 1.44 -0.02
CA GLY A 334 -31.93 1.92 -1.39
C GLY A 334 -31.15 3.18 -1.68
N ASN A 335 -30.29 3.62 -0.79
CA ASN A 335 -29.55 4.86 -1.01
C ASN A 335 -28.45 4.99 0.03
N PRO A 336 -27.15 4.99 -0.36
CA PRO A 336 -26.03 5.07 0.62
C PRO A 336 -26.00 6.32 1.47
N GLN A 337 -26.59 7.38 0.99
CA GLN A 337 -26.55 8.61 1.73
C GLN A 337 -27.38 8.56 2.98
N GLU A 338 -28.25 7.57 3.10
CA GLU A 338 -29.12 7.42 4.26
C GLU A 338 -28.53 6.56 5.35
N VAL A 339 -27.44 5.88 5.03
CA VAL A 339 -26.75 5.03 5.98
C VAL A 339 -26.36 5.79 7.25
N GLY A 340 -25.69 6.92 7.11
CA GLY A 340 -25.35 7.70 8.30
C GLY A 340 -26.52 8.06 9.25
N PRO A 341 -27.54 8.75 8.72
CA PRO A 341 -28.66 9.15 9.61
C PRO A 341 -29.30 7.98 10.33
N LEU A 342 -29.42 6.87 9.64
CA LEU A 342 -29.96 5.72 10.35
C LEU A 342 -29.06 5.17 11.45
N LEU A 343 -27.76 5.08 11.16
CA LEU A 343 -26.79 4.67 12.21
C LEU A 343 -26.85 5.59 13.42
N ASN A 344 -26.93 6.88 13.17
CA ASN A 344 -27.04 7.80 14.29
C ASN A 344 -28.28 7.63 15.09
N THR A 345 -29.37 7.51 14.37
CA THR A 345 -30.67 7.29 14.97
C THR A 345 -30.61 6.06 15.86
N MET A 346 -29.88 5.03 15.40
CA MET A 346 -29.74 3.77 16.13
C MET A 346 -28.92 3.94 17.40
N ILE A 347 -27.88 4.78 17.44
CA ILE A 347 -27.08 4.81 18.67
C ILE A 347 -27.43 5.90 19.64
N LYS A 348 -27.86 7.08 19.17
CA LYS A 348 -27.95 8.24 20.03
C LYS A 348 -28.87 8.01 21.18
N GLY A 349 -28.35 8.11 22.36
CA GLY A 349 -29.19 7.91 23.52
C GLY A 349 -29.46 6.45 23.83
N ARG A 350 -28.88 5.54 23.03
CA ARG A 350 -29.16 4.10 23.10
C ARG A 350 -27.92 3.26 23.35
N TYR A 351 -26.86 3.55 22.61
CA TYR A 351 -25.60 2.91 22.82
C TYR A 351 -24.41 3.82 23.09
N ASN A 352 -24.59 5.13 23.10
CA ASN A 352 -23.43 5.99 23.33
C ASN A 352 -23.36 6.70 24.69
C1 AKG B . -0.03 -1.62 -1.82
O1 AKG B . 0.73 -2.33 -2.51
O2 AKG B . -0.99 -2.11 -1.18
C2 AKG B . 0.20 -0.18 -1.76
O5 AKG B . -0.69 0.57 -1.39
C3 AKG B . 1.55 0.38 -2.16
C4 AKG B . 1.36 1.79 -2.72
C5 AKG B . 2.72 2.42 -2.92
O3 AKG B . 3.70 1.67 -3.15
O4 AKG B . 2.82 3.65 -2.86
C1 PEG C . -6.27 2.43 -1.89
O1 PEG C . -7.30 3.02 -2.71
C2 PEG C . -4.88 3.00 -2.25
O2 PEG C . -3.99 2.01 -2.84
C3 PEG C . -3.01 2.53 -3.76
C4 PEG C . -2.31 1.43 -4.55
O4 PEG C . -3.29 0.46 -4.99
FE FE D . -2.24 -0.83 -0.33
S SO4 E . -5.98 -9.22 16.58
O1 SO4 E . -5.91 -8.40 17.82
O2 SO4 E . -5.24 -10.49 16.73
O3 SO4 E . -7.39 -9.59 16.27
O4 SO4 E . -5.39 -8.42 15.46
S SO4 F . -16.74 -2.92 -2.30
O1 SO4 F . -16.20 -3.69 -1.14
O2 SO4 F . -15.69 -2.61 -3.32
O3 SO4 F . -17.83 -3.71 -2.96
O4 SO4 F . -17.29 -1.65 -1.74
S SO4 G . 4.17 22.62 -12.78
O1 SO4 G . 4.48 22.03 -11.45
O2 SO4 G . 5.45 23.16 -13.32
O3 SO4 G . 3.19 23.71 -12.60
O4 SO4 G . 3.63 21.58 -13.68
S SO4 H . 19.85 -6.73 7.24
O1 SO4 H . 19.53 -7.80 8.23
O2 SO4 H . 21.05 -5.91 7.61
O3 SO4 H . 18.68 -5.80 7.25
O4 SO4 H . 20.14 -7.37 5.91
S SO4 I . -12.12 -2.75 16.62
O1 SO4 I . -11.81 -1.61 17.52
O2 SO4 I . -11.06 -3.80 16.58
O3 SO4 I . -13.42 -3.23 17.15
O4 SO4 I . -12.22 -2.24 15.23
#